data_5LVO
#
_entry.id   5LVO
#
_cell.length_a   148.220
_cell.length_b   44.420
_cell.length_c   47.870
_cell.angle_alpha   90.00
_cell.angle_beta   101.81
_cell.angle_gamma   90.00
#
_symmetry.space_group_name_H-M   'C 1 2 1'
#
loop_
_entity.id
_entity.type
_entity.pdbx_description
1 polymer '3-phosphoinositide-dependent protein kinase 1'
2 non-polymer "ADENOSINE-5'-TRIPHOSPHATE"
3 non-polymer "2-oxidanylidenepropyl ~{N}-(2-chloranyl-6-fluoranyl-phenyl)carbonyl-~{N}'-(4-chlorophenyl)carbamimidothioate"
4 non-polymer 'DIMETHYL SULFOXIDE'
5 non-polymer 'DITHIANE DIOL'
6 non-polymer 'CHLORIDE ION'
7 water water
#
_entity_poly.entity_id   1
_entity_poly.type   'polypeptide(L)'
_entity_poly.pdbx_seq_one_letter_code
;GAMDGTAAEPRPGAGSLQHAQPPPQPRKKRPEDFKFGKILGEGSFSTVVLARELATSREYAIKILEKRHIIKENKVPYVT
RERDVMSRLDHPFFVKLYFTFQDDEKLYFGLSYAKNGELLKYIRKIGSFDETCTRFYTAEIVSALEYLHGKGIIHRDLKP
ENILLNEDMHIQITDFGTAKVLSPESKQARAN(SEP)FVGTAQYVSPELLTEKSACKSSDLWALGCIIYQLVAGLPPFRA
GNEGLIFAKIIKLEYDFPEKFFPKARDLVEKLLVLDATKRLGCEEMEGYGPLKAHPFFESVTWENLHQQTPPKLT
;
_entity_poly.pdbx_strand_id   A
#
loop_
_chem_comp.id
_chem_comp.type
_chem_comp.name
_chem_comp.formula
78W non-polymer '2-oxidanylidenepropyl ~{N}-(2-chloranyl-6-fluoranyl-phenyl)carbonyl-~{N}'-(4-chlorophenyl)carbamimidothioate' 'C17 H13 Cl2 F N2 O2 S'
ATP non-polymer ADENOSINE-5'-TRIPHOSPHATE 'C10 H16 N5 O13 P3'
CL non-polymer 'CHLORIDE ION' 'Cl -1'
DMS non-polymer 'DIMETHYL SULFOXIDE' 'C2 H6 O S'
DTD non-polymer 'DITHIANE DIOL' 'C4 H8 O2 S2'
#
# COMPACT_ATOMS: atom_id res chain seq x y z
C GLN A 25 -6.93 28.70 -0.61
N PRO A 26 -5.68 28.20 -0.78
CA PRO A 26 -4.72 28.94 -1.63
C PRO A 26 -5.21 29.06 -3.07
N ARG A 27 -4.59 29.97 -3.83
CA ARG A 27 -4.87 30.07 -5.25
C ARG A 27 -4.78 28.69 -5.89
N LYS A 28 -5.74 28.38 -6.76
CA LYS A 28 -5.69 27.11 -7.48
C LYS A 28 -4.48 27.09 -8.39
N LYS A 29 -3.78 25.98 -8.38
CA LYS A 29 -2.55 25.90 -9.14
C LYS A 29 -2.84 25.61 -10.61
N ARG A 30 -1.87 25.92 -11.44
CA ARG A 30 -1.94 25.73 -12.88
C ARG A 30 -0.61 25.15 -13.34
N PRO A 31 -0.57 24.50 -14.51
CA PRO A 31 0.71 23.90 -14.96
C PRO A 31 1.87 24.87 -15.00
N GLU A 32 1.66 26.10 -15.47
CA GLU A 32 2.73 27.06 -15.58
CA GLU A 32 2.72 27.08 -15.58
C GLU A 32 3.21 27.57 -14.22
N ASP A 33 2.58 27.16 -13.13
CA ASP A 33 3.10 27.49 -11.81
C ASP A 33 4.27 26.61 -11.42
N PHE A 34 4.61 25.62 -12.26
CA PHE A 34 5.65 24.64 -11.97
C PHE A 34 6.68 24.59 -13.08
N LYS A 35 7.87 24.15 -12.71
CA LYS A 35 8.87 23.69 -13.65
C LYS A 35 9.02 22.18 -13.47
N PHE A 36 8.84 21.43 -14.55
CA PHE A 36 8.93 19.97 -14.50
CA PHE A 36 8.92 19.98 -14.50
C PHE A 36 10.36 19.53 -14.76
N GLY A 37 10.77 18.48 -14.06
CA GLY A 37 12.04 17.84 -14.21
C GLY A 37 11.83 16.43 -14.73
N LYS A 38 12.58 15.50 -14.18
CA LYS A 38 12.58 14.16 -14.70
C LYS A 38 11.25 13.44 -14.51
N ILE A 39 10.95 12.53 -15.45
CA ILE A 39 9.88 11.57 -15.25
C ILE A 39 10.32 10.57 -14.17
N LEU A 40 9.53 10.43 -13.14
CA LEU A 40 9.76 9.51 -12.05
C LEU A 40 9.20 8.14 -12.35
N GLY A 41 8.18 8.04 -13.18
CA GLY A 41 7.59 6.75 -13.48
C GLY A 41 6.41 6.95 -14.41
N GLU A 42 5.96 5.84 -14.97
CA GLU A 42 4.83 5.86 -15.88
C GLU A 42 3.95 4.67 -15.54
N GLY A 43 2.64 4.93 -15.45
CA GLY A 43 1.67 3.87 -15.33
C GLY A 43 0.96 3.64 -16.66
N SER A 44 -0.04 2.75 -16.61
CA SER A 44 -0.85 2.47 -17.79
C SER A 44 -1.56 3.72 -18.32
N PHE A 45 -1.97 4.64 -17.44
CA PHE A 45 -2.72 5.82 -17.88
C PHE A 45 -2.16 7.11 -17.28
N SER A 46 -0.91 7.09 -16.81
CA SER A 46 -0.39 8.23 -16.08
C SER A 46 1.11 8.37 -16.32
N THR A 47 1.61 9.59 -16.07
CA THR A 47 3.03 9.87 -16.00
C THR A 47 3.23 10.66 -14.71
N VAL A 48 4.23 10.29 -13.92
CA VAL A 48 4.56 11.03 -12.70
C VAL A 48 5.88 11.75 -12.94
N VAL A 49 5.88 13.04 -12.72
CA VAL A 49 7.03 13.90 -12.99
CA VAL A 49 7.01 13.91 -13.00
C VAL A 49 7.44 14.61 -11.72
N LEU A 50 8.73 14.80 -11.55
CA LEU A 50 9.21 15.62 -10.47
C LEU A 50 9.01 17.09 -10.88
N ALA A 51 8.52 17.90 -9.98
CA ALA A 51 8.21 19.29 -10.29
C ALA A 51 8.64 20.20 -9.14
N ARG A 52 9.01 21.42 -9.49
CA ARG A 52 9.25 22.47 -8.51
C ARG A 52 8.21 23.57 -8.73
N GLU A 53 7.58 23.99 -7.64
CA GLU A 53 6.62 25.08 -7.69
C GLU A 53 7.37 26.39 -7.66
N LEU A 54 7.16 27.23 -8.68
CA LEU A 54 7.98 28.44 -8.82
C LEU A 54 7.84 29.39 -7.63
N ALA A 55 6.61 29.58 -7.12
CA ALA A 55 6.40 30.61 -6.08
C ALA A 55 6.91 30.18 -4.73
N THR A 56 7.20 28.90 -4.51
CA THR A 56 7.61 28.42 -3.21
C THR A 56 8.90 27.67 -3.19
N SER A 57 9.36 27.18 -4.36
CA SER A 57 10.51 26.30 -4.52
C SER A 57 10.28 24.90 -3.97
N ARG A 58 9.07 24.56 -3.59
CA ARG A 58 8.82 23.21 -3.12
C ARG A 58 8.81 22.20 -4.22
N GLU A 59 9.25 21.01 -3.86
CA GLU A 59 9.24 19.87 -4.74
C GLU A 59 8.01 18.99 -4.53
N TYR A 60 7.43 18.55 -5.63
CA TYR A 60 6.29 17.65 -5.64
C TYR A 60 6.52 16.58 -6.70
N ALA A 61 5.90 15.41 -6.48
CA ALA A 61 5.68 14.45 -7.56
C ALA A 61 4.31 14.74 -8.14
N ILE A 62 4.22 15.08 -9.41
CA ILE A 62 2.93 15.41 -10.02
C ILE A 62 2.53 14.26 -10.93
N LYS A 63 1.41 13.65 -10.61
CA LYS A 63 0.87 12.58 -11.45
C LYS A 63 -0.10 13.19 -12.44
N ILE A 64 0.13 12.93 -13.72
CA ILE A 64 -0.56 13.59 -14.83
C ILE A 64 -1.23 12.52 -15.70
N LEU A 65 -2.50 12.73 -15.92
CA LEU A 65 -3.30 11.79 -16.74
C LEU A 65 -3.92 12.54 -17.91
N GLU A 66 -3.98 11.89 -19.09
CA GLU A 66 -4.59 12.48 -20.27
C GLU A 66 -6.08 12.19 -20.24
N LYS A 67 -6.88 13.26 -20.20
CA LYS A 67 -8.33 13.10 -20.14
C LYS A 67 -8.86 12.21 -21.25
N ARG A 68 -8.42 12.45 -22.49
CA ARG A 68 -9.02 11.70 -23.58
C ARG A 68 -8.85 10.21 -23.36
N HIS A 69 -7.72 9.81 -22.81
CA HIS A 69 -7.40 8.41 -22.56
C HIS A 69 -8.22 7.85 -21.40
N ILE A 70 -8.31 8.61 -20.30
CA ILE A 70 -9.14 8.22 -19.18
C ILE A 70 -10.59 8.02 -19.64
N ILE A 71 -11.11 8.97 -20.43
CA ILE A 71 -12.50 8.90 -20.91
C ILE A 71 -12.68 7.69 -21.82
N LYS A 72 -11.82 7.55 -22.82
CA LYS A 72 -11.97 6.47 -23.79
C LYS A 72 -11.94 5.12 -23.10
N GLU A 73 -11.11 4.99 -22.07
CA GLU A 73 -10.81 3.69 -21.48
C GLU A 73 -11.55 3.44 -20.16
N ASN A 74 -12.60 4.19 -19.90
CA ASN A 74 -13.49 3.89 -18.77
C ASN A 74 -12.81 4.03 -17.42
N LYS A 75 -11.87 4.98 -17.29
CA LYS A 75 -11.08 5.13 -16.07
C LYS A 75 -11.54 6.28 -15.16
N VAL A 76 -12.57 7.03 -15.56
CA VAL A 76 -12.97 8.20 -14.76
C VAL A 76 -13.27 7.80 -13.32
N PRO A 77 -13.97 6.71 -13.06
CA PRO A 77 -14.27 6.38 -11.67
C PRO A 77 -13.03 6.14 -10.85
N TYR A 78 -11.98 5.59 -11.46
CA TYR A 78 -10.77 5.31 -10.69
C TYR A 78 -10.02 6.58 -10.36
N VAL A 79 -9.98 7.54 -11.27
CA VAL A 79 -9.31 8.81 -11.00
C VAL A 79 -10.05 9.58 -9.93
N THR A 80 -11.38 9.61 -10.02
CA THR A 80 -12.21 10.24 -9.00
CA THR A 80 -12.10 10.32 -8.98
C THR A 80 -11.99 9.60 -7.65
N ARG A 81 -11.94 8.27 -7.64
CA ARG A 81 -11.74 7.53 -6.38
C ARG A 81 -10.38 7.84 -5.78
N GLU A 82 -9.34 7.89 -6.60
CA GLU A 82 -8.01 8.21 -6.08
C GLU A 82 -8.05 9.58 -5.39
N ARG A 83 -8.65 10.60 -6.05
CA ARG A 83 -8.74 11.90 -5.43
C ARG A 83 -9.52 11.85 -4.13
N ASP A 84 -10.70 11.23 -4.17
CA ASP A 84 -11.59 11.21 -3.02
CA ASP A 84 -11.58 11.21 -3.00
C ASP A 84 -10.93 10.50 -1.83
N VAL A 85 -10.33 9.33 -2.09
CA VAL A 85 -9.72 8.59 -0.98
C VAL A 85 -8.54 9.35 -0.41
N MET A 86 -7.62 9.81 -1.28
CA MET A 86 -6.43 10.46 -0.78
C MET A 86 -6.77 11.75 -0.04
N SER A 87 -7.83 12.43 -0.44
CA SER A 87 -8.21 13.66 0.23
CA SER A 87 -8.24 13.65 0.23
C SER A 87 -8.64 13.41 1.67
N ARG A 88 -8.99 12.16 2.02
CA ARG A 88 -9.41 11.82 3.37
C ARG A 88 -8.26 11.50 4.28
N LEU A 89 -7.09 11.23 3.73
CA LEU A 89 -5.99 10.68 4.52
C LEU A 89 -5.09 11.79 5.04
N ASP A 90 -4.61 11.63 6.24
CA ASP A 90 -3.74 12.60 6.82
C ASP A 90 -2.92 11.86 7.87
N HIS A 91 -1.98 11.06 7.44
CA HIS A 91 -1.16 10.23 8.30
C HIS A 91 0.24 10.14 7.71
N PRO A 92 1.28 10.08 8.53
CA PRO A 92 2.64 10.11 8.01
C PRO A 92 3.04 8.95 7.11
N PHE A 93 2.34 7.83 7.09
CA PHE A 93 2.74 6.65 6.33
C PHE A 93 2.07 6.55 4.97
N PHE A 94 1.45 7.63 4.50
CA PHE A 94 0.80 7.67 3.21
C PHE A 94 1.35 8.81 2.39
N VAL A 95 1.47 8.59 1.08
CA VAL A 95 1.71 9.73 0.17
C VAL A 95 0.59 10.73 0.39
N LYS A 96 0.96 12.01 0.48
CA LYS A 96 0.03 13.10 0.69
C LYS A 96 -0.41 13.68 -0.65
N LEU A 97 -1.72 13.91 -0.79
CA LEU A 97 -2.26 14.69 -1.92
C LEU A 97 -2.41 16.13 -1.44
N TYR A 98 -1.58 17.01 -1.98
CA TYR A 98 -1.59 18.42 -1.60
C TYR A 98 -2.59 19.25 -2.38
N PHE A 99 -2.77 18.96 -3.65
CA PHE A 99 -3.63 19.75 -4.52
C PHE A 99 -3.97 18.94 -5.76
N THR A 100 -5.00 19.39 -6.46
CA THR A 100 -5.33 18.84 -7.77
C THR A 100 -5.68 20.00 -8.68
N PHE A 101 -5.49 19.81 -9.98
CA PHE A 101 -5.96 20.80 -10.96
C PHE A 101 -6.09 20.10 -12.30
N GLN A 102 -6.69 20.81 -13.26
CA GLN A 102 -6.90 20.24 -14.58
C GLN A 102 -6.77 21.35 -15.62
N ASP A 103 -6.48 20.95 -16.84
CA ASP A 103 -6.61 21.87 -17.97
C ASP A 103 -7.37 21.11 -19.04
N ASP A 104 -7.36 21.61 -20.28
CA ASP A 104 -8.24 21.02 -21.26
C ASP A 104 -7.87 19.57 -21.58
N GLU A 105 -6.58 19.23 -21.48
CA GLU A 105 -6.09 17.93 -21.88
C GLU A 105 -5.83 16.99 -20.71
N LYS A 106 -5.52 17.53 -19.51
CA LYS A 106 -4.90 16.72 -18.48
C LYS A 106 -5.48 16.97 -17.09
N LEU A 107 -5.38 15.93 -16.25
CA LEU A 107 -5.63 15.97 -14.82
C LEU A 107 -4.27 15.90 -14.11
N TYR A 108 -4.13 16.66 -13.02
CA TYR A 108 -2.87 16.72 -12.29
C TYR A 108 -3.13 16.50 -10.79
N PHE A 109 -2.34 15.61 -10.19
CA PHE A 109 -2.35 15.40 -8.74
C PHE A 109 -1.01 15.83 -8.20
N GLY A 110 -1.00 16.77 -7.25
CA GLY A 110 0.23 17.17 -6.60
C GLY A 110 0.46 16.36 -5.34
N LEU A 111 1.50 15.52 -5.38
CA LEU A 111 1.78 14.52 -4.35
C LEU A 111 3.10 14.78 -3.66
N SER A 112 3.21 14.28 -2.45
CA SER A 112 4.54 14.25 -1.84
C SER A 112 5.47 13.37 -2.65
N TYR A 113 6.72 13.82 -2.80
CA TYR A 113 7.72 13.07 -3.55
C TYR A 113 8.35 12.03 -2.62
N ALA A 114 8.24 10.79 -2.99
CA ALA A 114 8.88 9.69 -2.24
C ALA A 114 10.21 9.41 -2.94
N LYS A 115 11.26 10.06 -2.44
CA LYS A 115 12.53 10.11 -3.13
C LYS A 115 13.18 8.74 -3.29
N ASN A 116 12.94 7.82 -2.36
CA ASN A 116 13.61 6.53 -2.40
C ASN A 116 12.82 5.43 -3.11
N GLY A 117 11.68 5.75 -3.70
CA GLY A 117 11.02 4.84 -4.63
C GLY A 117 10.36 3.68 -3.91
N GLU A 118 10.21 2.58 -4.62
CA GLU A 118 9.41 1.44 -4.17
C GLU A 118 10.15 0.51 -3.22
N LEU A 119 9.44 0.03 -2.21
CA LEU A 119 9.99 -0.97 -1.32
C LEU A 119 10.49 -2.20 -2.07
N LEU A 120 9.81 -2.59 -3.13
CA LEU A 120 10.18 -3.75 -3.93
C LEU A 120 11.62 -3.68 -4.42
N LYS A 121 12.09 -2.49 -4.80
CA LYS A 121 13.46 -2.33 -5.29
C LYS A 121 14.46 -2.84 -4.27
N TYR A 122 14.20 -2.57 -3.01
CA TYR A 122 15.12 -2.98 -1.97
C TYR A 122 15.05 -4.47 -1.71
N ILE A 123 13.86 -5.05 -1.73
CA ILE A 123 13.77 -6.50 -1.59
C ILE A 123 14.59 -7.18 -2.69
N ARG A 124 14.45 -6.71 -3.92
CA ARG A 124 15.15 -7.34 -5.04
C ARG A 124 16.65 -7.24 -4.88
N LYS A 125 17.11 -6.05 -4.49
CA LYS A 125 18.54 -5.79 -4.47
C LYS A 125 19.23 -6.52 -3.36
N ILE A 126 18.65 -6.55 -2.15
CA ILE A 126 19.27 -7.19 -1.01
CA ILE A 126 19.32 -7.19 -1.04
C ILE A 126 18.85 -8.64 -0.83
N GLY A 127 17.73 -9.01 -1.36
CA GLY A 127 17.29 -10.37 -1.39
C GLY A 127 16.30 -10.65 -0.31
N SER A 128 16.62 -10.29 0.96
N SER A 128 16.55 -10.08 0.84
CA SER A 128 15.85 -10.64 2.16
CA SER A 128 15.60 -10.17 1.91
C SER A 128 16.25 -9.76 3.35
C SER A 128 16.10 -9.22 2.98
N PHE A 129 15.28 -9.09 3.98
CA PHE A 129 15.54 -8.19 5.06
C PHE A 129 15.89 -8.97 6.33
N ASP A 130 16.81 -8.43 7.11
CA ASP A 130 17.08 -9.04 8.39
C ASP A 130 15.91 -8.85 9.35
N GLU A 131 15.99 -9.40 10.54
CA GLU A 131 14.83 -9.41 11.44
C GLU A 131 14.48 -8.00 11.89
N THR A 132 15.47 -7.20 12.24
CA THR A 132 15.22 -5.84 12.69
C THR A 132 14.51 -5.01 11.62
N CYS A 133 14.99 -5.10 10.39
CA CYS A 133 14.38 -4.35 9.28
C CYS A 133 13.01 -4.89 8.93
N THR A 134 12.84 -6.21 8.93
CA THR A 134 11.52 -6.79 8.73
C THR A 134 10.57 -6.26 9.78
N ARG A 135 10.97 -6.29 11.04
CA ARG A 135 10.10 -5.85 12.12
C ARG A 135 9.72 -4.38 11.97
N PHE A 136 10.69 -3.52 11.64
CA PHE A 136 10.44 -2.09 11.57
C PHE A 136 9.45 -1.80 10.44
N TYR A 137 9.72 -2.32 9.25
CA TYR A 137 8.86 -2.00 8.11
C TYR A 137 7.50 -2.65 8.25
N THR A 138 7.44 -3.87 8.78
CA THR A 138 6.15 -4.48 9.10
C THR A 138 5.37 -3.62 10.07
N ALA A 139 6.03 -3.12 11.11
CA ALA A 139 5.32 -2.29 12.09
C ALA A 139 4.80 -1.02 11.44
N GLU A 140 5.58 -0.39 10.56
CA GLU A 140 5.03 0.79 9.86
C GLU A 140 3.79 0.42 9.04
N ILE A 141 3.83 -0.71 8.33
CA ILE A 141 2.69 -1.09 7.52
C ILE A 141 1.47 -1.36 8.42
N VAL A 142 1.67 -2.03 9.54
CA VAL A 142 0.62 -2.29 10.50
C VAL A 142 0.02 -0.97 10.99
N SER A 143 0.87 -0.02 11.36
CA SER A 143 0.37 1.27 11.82
CA SER A 143 0.41 1.28 11.82
C SER A 143 -0.43 1.97 10.74
N ALA A 144 0.05 1.88 9.50
CA ALA A 144 -0.70 2.49 8.40
C ALA A 144 -2.06 1.84 8.23
N LEU A 145 -2.11 0.51 8.24
CA LEU A 145 -3.37 -0.21 8.09
C LEU A 145 -4.33 0.07 9.24
N GLU A 146 -3.82 0.18 10.43
CA GLU A 146 -4.68 0.55 11.58
C GLU A 146 -5.36 1.88 11.31
N TYR A 147 -4.63 2.88 10.80
CA TYR A 147 -5.22 4.16 10.47
C TYR A 147 -6.23 4.03 9.35
N LEU A 148 -5.87 3.35 8.28
CA LEU A 148 -6.75 3.25 7.13
CA LEU A 148 -6.76 3.22 7.13
C LEU A 148 -8.05 2.54 7.50
N HIS A 149 -7.93 1.40 8.18
CA HIS A 149 -9.10 0.63 8.56
C HIS A 149 -9.92 1.41 9.58
N GLY A 150 -9.30 2.20 10.44
CA GLY A 150 -10.03 3.03 11.37
C GLY A 150 -10.90 4.05 10.68
N LYS A 151 -10.55 4.44 9.47
CA LYS A 151 -11.34 5.33 8.64
C LYS A 151 -12.29 4.59 7.72
N GLY A 152 -12.40 3.28 7.88
CA GLY A 152 -13.28 2.49 7.06
C GLY A 152 -12.86 2.41 5.62
N ILE A 153 -11.56 2.36 5.35
CA ILE A 153 -11.05 2.29 3.99
C ILE A 153 -10.30 0.99 3.83
N ILE A 154 -10.58 0.24 2.74
CA ILE A 154 -9.82 -0.94 2.36
C ILE A 154 -8.86 -0.52 1.25
N HIS A 155 -7.58 -0.89 1.33
CA HIS A 155 -6.65 -0.57 0.25
C HIS A 155 -6.91 -1.41 -0.99
N ARG A 156 -6.93 -2.73 -0.82
CA ARG A 156 -7.21 -3.75 -1.82
C ARG A 156 -6.09 -4.05 -2.78
N ASP A 157 -5.03 -3.27 -2.81
CA ASP A 157 -3.89 -3.57 -3.67
C ASP A 157 -2.59 -3.32 -2.91
N LEU A 158 -2.51 -3.81 -1.68
CA LEU A 158 -1.31 -3.61 -0.90
C LEU A 158 -0.23 -4.58 -1.38
N LYS A 159 0.96 -4.05 -1.66
CA LYS A 159 2.05 -4.84 -2.19
C LYS A 159 3.28 -3.96 -2.18
N PRO A 160 4.48 -4.55 -2.27
CA PRO A 160 5.69 -3.72 -2.12
C PRO A 160 5.85 -2.63 -3.17
N GLU A 161 5.32 -2.82 -4.38
CA GLU A 161 5.39 -1.77 -5.38
CA GLU A 161 5.35 -1.80 -5.41
C GLU A 161 4.58 -0.56 -5.00
N ASN A 162 3.60 -0.72 -4.12
CA ASN A 162 2.73 0.35 -3.68
C ASN A 162 3.10 0.89 -2.32
N ILE A 163 4.26 0.52 -1.81
CA ILE A 163 4.78 1.04 -0.58
C ILE A 163 6.04 1.78 -0.95
N LEU A 164 5.94 3.10 -1.05
CA LEU A 164 7.08 3.92 -1.42
C LEU A 164 7.85 4.30 -0.16
N LEU A 165 9.01 4.90 -0.38
CA LEU A 165 9.91 5.26 0.69
C LEU A 165 10.35 6.71 0.51
N ASN A 166 10.20 7.51 1.55
CA ASN A 166 10.62 8.91 1.53
C ASN A 166 12.12 9.02 1.75
N GLU A 167 12.60 10.28 1.74
CA GLU A 167 14.03 10.55 1.87
C GLU A 167 14.57 9.99 3.17
N ASP A 168 13.76 9.93 4.20
CA ASP A 168 14.17 9.42 5.49
C ASP A 168 13.93 7.92 5.64
N MET A 169 13.49 7.25 4.58
CA MET A 169 13.27 5.80 4.54
C MET A 169 12.07 5.35 5.41
N HIS A 170 11.12 6.26 5.63
CA HIS A 170 9.82 5.83 6.14
C HIS A 170 8.91 5.51 4.97
N ILE A 171 7.93 4.64 5.25
CA ILE A 171 7.01 4.24 4.20
C ILE A 171 6.05 5.34 3.83
N GLN A 172 5.59 5.29 2.57
CA GLN A 172 4.59 6.16 1.99
C GLN A 172 3.73 5.29 1.09
N ILE A 173 2.63 4.80 1.62
CA ILE A 173 1.73 3.95 0.85
C ILE A 173 1.01 4.79 -0.19
N THR A 174 0.83 4.20 -1.36
CA THR A 174 0.24 4.85 -2.53
C THR A 174 -0.78 3.93 -3.20
N ASP A 175 -1.39 4.42 -4.29
CA ASP A 175 -2.24 3.64 -5.20
C ASP A 175 -3.63 3.45 -4.64
N PHE A 176 -4.40 4.54 -4.59
CA PHE A 176 -5.70 4.56 -3.98
C PHE A 176 -6.85 4.56 -4.97
N GLY A 177 -6.59 4.52 -6.28
CA GLY A 177 -7.68 4.46 -7.25
C GLY A 177 -8.50 3.21 -7.18
N THR A 178 -7.95 2.15 -6.58
CA THR A 178 -8.66 0.90 -6.39
C THR A 178 -8.97 0.63 -4.91
N ALA A 179 -8.82 1.62 -4.05
CA ALA A 179 -9.25 1.51 -2.67
C ALA A 179 -10.78 1.66 -2.59
N LYS A 180 -11.34 1.40 -1.43
CA LYS A 180 -12.77 1.54 -1.21
C LYS A 180 -13.03 2.18 0.14
N VAL A 181 -13.85 3.23 0.14
CA VAL A 181 -14.40 3.80 1.38
C VAL A 181 -15.67 3.03 1.66
N LEU A 182 -15.68 2.29 2.72
CA LEU A 182 -16.88 1.59 3.14
C LEU A 182 -17.85 2.59 3.72
N SER A 183 -19.14 2.45 3.41
CA SER A 183 -20.09 3.43 3.86
CA SER A 183 -20.12 3.43 3.84
C SER A 183 -20.34 3.31 5.34
N PRO A 184 -20.13 4.36 6.14
CA PRO A 184 -20.49 4.26 7.55
C PRO A 184 -22.00 4.17 7.77
N GLU A 185 -22.79 4.75 6.88
CA GLU A 185 -24.22 4.83 7.10
C GLU A 185 -24.85 3.45 7.08
N SER A 186 -24.34 2.54 6.25
CA SER A 186 -24.89 1.19 6.14
C SER A 186 -24.09 0.17 6.91
N LYS A 187 -23.04 0.60 7.60
CA LYS A 187 -22.14 -0.31 8.29
C LYS A 187 -21.55 -1.35 7.31
N GLN A 188 -21.29 -0.89 6.10
CA GLN A 188 -20.78 -1.75 5.06
C GLN A 188 -19.48 -2.38 5.50
N ALA A 189 -19.35 -3.67 5.22
CA ALA A 189 -18.13 -4.44 5.49
C ALA A 189 -17.52 -5.05 4.26
N ARG A 190 -18.31 -5.35 3.25
CA ARG A 190 -17.79 -6.02 2.06
C ARG A 190 -17.87 -5.07 0.87
N ALA A 191 -16.87 -5.17 0.01
CA ALA A 191 -16.75 -4.39 -1.20
C ALA A 191 -16.75 -5.34 -2.39
N ASN A 192 -17.50 -4.99 -3.42
CA ASN A 192 -17.78 -5.90 -4.53
C ASN A 192 -16.92 -5.81 -5.80
N SEP A 193 -16.11 -4.77 -5.93
CA SEP A 193 -15.34 -4.65 -7.18
CB SEP A 193 -14.77 -3.26 -7.33
OG SEP A 193 -15.84 -2.36 -7.38
C SEP A 193 -14.17 -5.60 -7.21
O SEP A 193 -13.50 -5.78 -6.19
P SEP A 193 -15.98 -1.35 -6.13
O1P SEP A 193 -14.78 -0.34 -6.17
O2P SEP A 193 -15.98 -2.13 -4.79
O3P SEP A 193 -17.32 -0.63 -6.36
H SEP A 193 -15.98 -4.14 -5.35
HA SEP A 193 -15.92 -4.84 -7.94
HB2 SEP A 193 -14.27 -3.19 -8.16
HB3 SEP A 193 -14.20 -3.04 -6.58
N PHE A 194 -13.88 -6.19 -8.35
CA PHE A 194 -12.76 -7.09 -8.45
CA PHE A 194 -12.73 -7.10 -8.48
C PHE A 194 -11.52 -6.29 -8.86
N VAL A 195 -10.64 -6.05 -7.91
CA VAL A 195 -9.42 -5.30 -8.11
C VAL A 195 -8.35 -6.02 -7.29
N GLY A 196 -7.09 -5.74 -7.57
CA GLY A 196 -5.97 -6.26 -6.82
C GLY A 196 -4.88 -6.77 -7.75
N THR A 197 -3.96 -7.50 -7.15
CA THR A 197 -2.79 -8.09 -7.82
C THR A 197 -2.74 -9.56 -7.42
N ALA A 198 -2.53 -10.46 -8.37
CA ALA A 198 -2.72 -11.87 -8.14
C ALA A 198 -1.94 -12.39 -6.95
N GLN A 199 -0.65 -12.02 -6.82
CA GLN A 199 0.16 -12.57 -5.73
C GLN A 199 -0.37 -12.21 -4.35
N TYR A 200 -1.15 -11.11 -4.24
CA TYR A 200 -1.53 -10.58 -2.95
C TYR A 200 -3.04 -10.62 -2.73
N VAL A 201 -3.83 -11.10 -3.69
CA VAL A 201 -5.28 -11.06 -3.62
C VAL A 201 -5.76 -12.11 -2.61
N SER A 202 -6.82 -11.74 -1.90
CA SER A 202 -7.34 -12.58 -0.84
C SER A 202 -8.21 -13.72 -1.36
N PRO A 203 -8.30 -14.81 -0.61
CA PRO A 203 -9.15 -15.92 -1.05
C PRO A 203 -10.62 -15.55 -1.08
N GLU A 204 -11.06 -14.67 -0.19
CA GLU A 204 -12.46 -14.29 -0.20
C GLU A 204 -12.82 -13.57 -1.48
N LEU A 205 -11.93 -12.72 -2.00
CA LEU A 205 -12.28 -12.04 -3.22
C LEU A 205 -12.41 -13.06 -4.34
N LEU A 206 -11.52 -14.07 -4.37
CA LEU A 206 -11.57 -15.09 -5.41
C LEU A 206 -12.80 -15.98 -5.30
N THR A 207 -13.20 -16.37 -4.09
CA THR A 207 -14.25 -17.37 -3.93
C THR A 207 -15.60 -16.75 -3.62
N GLU A 208 -15.68 -15.68 -2.89
CA GLU A 208 -16.93 -15.02 -2.53
C GLU A 208 -17.21 -13.78 -3.35
N LYS A 209 -16.24 -13.30 -4.11
CA LYS A 209 -16.40 -12.14 -4.97
C LYS A 209 -16.54 -10.84 -4.21
N SER A 210 -16.06 -10.76 -2.96
CA SER A 210 -15.97 -9.50 -2.27
C SER A 210 -14.74 -9.50 -1.39
N ALA A 211 -14.28 -8.30 -1.07
CA ALA A 211 -13.17 -8.06 -0.17
C ALA A 211 -13.69 -7.36 1.06
N CYS A 212 -12.87 -7.36 2.10
CA CYS A 212 -13.18 -6.71 3.37
C CYS A 212 -11.88 -6.12 3.90
N LYS A 213 -11.93 -5.40 5.02
CA LYS A 213 -10.69 -4.86 5.57
C LYS A 213 -9.66 -5.94 5.78
N SER A 214 -10.10 -7.11 6.25
CA SER A 214 -9.19 -8.20 6.50
C SER A 214 -8.48 -8.69 5.26
N SER A 215 -8.99 -8.42 4.06
CA SER A 215 -8.26 -8.73 2.85
C SER A 215 -6.89 -8.06 2.82
N ASP A 216 -6.77 -6.84 3.38
CA ASP A 216 -5.48 -6.19 3.46
C ASP A 216 -4.52 -6.90 4.43
N LEU A 217 -5.08 -7.56 5.46
CA LEU A 217 -4.26 -8.34 6.40
C LEU A 217 -3.67 -9.58 5.74
N TRP A 218 -4.42 -10.20 4.84
CA TRP A 218 -3.89 -11.26 3.99
C TRP A 218 -2.72 -10.74 3.17
N ALA A 219 -2.88 -9.59 2.52
CA ALA A 219 -1.77 -9.02 1.78
C ALA A 219 -0.57 -8.75 2.68
N LEU A 220 -0.83 -8.22 3.90
CA LEU A 220 0.24 -8.01 4.85
C LEU A 220 1.00 -9.30 5.12
N GLY A 221 0.32 -10.42 5.33
CA GLY A 221 1.01 -11.68 5.54
C GLY A 221 1.89 -12.06 4.38
N CYS A 222 1.40 -11.84 3.16
CA CYS A 222 2.21 -12.08 1.97
C CYS A 222 3.47 -11.23 1.96
N ILE A 223 3.31 -9.96 2.33
CA ILE A 223 4.43 -9.01 2.33
C ILE A 223 5.46 -9.39 3.37
N ILE A 224 5.04 -9.72 4.59
CA ILE A 224 6.00 -10.13 5.62
C ILE A 224 6.78 -11.34 5.11
N TYR A 225 6.07 -12.32 4.57
CA TYR A 225 6.72 -13.51 4.02
C TYR A 225 7.76 -13.09 2.99
N GLN A 226 7.39 -12.18 2.08
CA GLN A 226 8.29 -11.74 1.03
C GLN A 226 9.53 -11.05 1.58
N LEU A 227 9.37 -10.21 2.60
CA LEU A 227 10.53 -9.53 3.18
C LEU A 227 11.55 -10.53 3.70
N VAL A 228 11.06 -11.61 4.31
CA VAL A 228 11.93 -12.59 4.98
C VAL A 228 12.49 -13.58 3.99
N ALA A 229 11.66 -14.13 3.11
CA ALA A 229 11.97 -15.21 2.19
C ALA A 229 12.50 -14.75 0.84
N GLY A 230 12.19 -13.52 0.47
CA GLY A 230 12.64 -12.96 -0.79
C GLY A 230 11.66 -13.04 -1.92
N LEU A 231 10.58 -13.81 -1.78
CA LEU A 231 9.56 -13.98 -2.80
C LEU A 231 8.25 -14.05 -2.05
N PRO A 232 7.15 -13.61 -2.65
CA PRO A 232 5.85 -13.78 -2.01
C PRO A 232 5.47 -15.26 -2.02
N PRO A 233 4.55 -15.66 -1.13
CA PRO A 233 4.34 -17.08 -0.87
C PRO A 233 3.63 -17.84 -1.95
N PHE A 234 2.72 -17.17 -2.69
CA PHE A 234 1.94 -17.78 -3.76
C PHE A 234 2.48 -17.15 -5.04
N ARG A 235 3.11 -17.95 -5.86
CA ARG A 235 3.80 -17.38 -7.01
C ARG A 235 3.76 -18.42 -8.13
N ALA A 236 3.68 -17.96 -9.36
CA ALA A 236 3.63 -18.78 -10.56
C ALA A 236 3.75 -17.85 -11.74
N GLY A 237 3.99 -18.43 -12.94
CA GLY A 237 4.08 -17.68 -14.14
C GLY A 237 2.77 -17.34 -14.78
N ASN A 238 1.63 -17.76 -14.18
CA ASN A 238 0.27 -17.57 -14.74
C ASN A 238 -0.61 -17.26 -13.54
N GLU A 239 -1.52 -16.27 -13.66
CA GLU A 239 -2.33 -15.86 -12.53
C GLU A 239 -3.24 -16.95 -12.04
N GLY A 240 -3.83 -17.72 -12.95
CA GLY A 240 -4.72 -18.75 -12.51
C GLY A 240 -4.06 -19.78 -11.64
N LEU A 241 -2.80 -20.10 -11.91
CA LEU A 241 -2.05 -21.02 -11.05
C LEU A 241 -1.89 -20.45 -9.65
N ILE A 242 -1.69 -19.15 -9.55
CA ILE A 242 -1.60 -18.49 -8.24
C ILE A 242 -2.93 -18.59 -7.52
N PHE A 243 -4.04 -18.29 -8.21
CA PHE A 243 -5.35 -18.35 -7.59
C PHE A 243 -5.59 -19.74 -7.01
N ALA A 244 -5.23 -20.78 -7.76
CA ALA A 244 -5.49 -22.14 -7.27
C ALA A 244 -4.72 -22.41 -5.98
N LYS A 245 -3.51 -21.89 -5.85
CA LYS A 245 -2.74 -22.08 -4.61
C LYS A 245 -3.30 -21.26 -3.47
N ILE A 246 -3.74 -20.04 -3.73
CA ILE A 246 -4.30 -19.20 -2.69
C ILE A 246 -5.49 -19.90 -2.03
N ILE A 247 -6.41 -20.42 -2.84
CA ILE A 247 -7.66 -20.93 -2.31
C ILE A 247 -7.43 -22.21 -1.54
N LYS A 248 -6.32 -22.92 -1.77
CA LYS A 248 -5.95 -24.13 -1.05
C LYS A 248 -4.98 -23.85 0.09
N LEU A 249 -4.57 -22.59 0.28
CA LEU A 249 -3.52 -22.25 1.26
C LEU A 249 -2.26 -23.10 1.00
N GLU A 250 -1.86 -23.19 -0.27
CA GLU A 250 -0.74 -24.03 -0.70
C GLU A 250 0.51 -23.15 -0.74
N TYR A 251 1.31 -23.18 0.33
CA TYR A 251 2.59 -22.49 0.38
C TYR A 251 3.39 -23.17 1.48
N ASP A 252 4.69 -22.86 1.49
CA ASP A 252 5.62 -23.40 2.47
C ASP A 252 6.58 -22.32 2.88
N PHE A 253 7.22 -22.52 4.02
CA PHE A 253 8.25 -21.62 4.50
C PHE A 253 9.63 -22.23 4.21
N PRO A 254 10.61 -21.39 3.88
CA PRO A 254 12.00 -21.87 3.84
C PRO A 254 12.49 -22.22 5.21
N GLU A 255 13.74 -22.67 5.21
N GLU A 255 13.44 -23.17 5.23
CA GLU A 255 14.53 -22.74 6.43
CA GLU A 255 13.88 -23.84 6.45
C GLU A 255 14.98 -21.36 6.94
C GLU A 255 14.27 -22.84 7.54
N LYS A 256 15.15 -21.25 8.24
N LYS A 256 14.95 -21.79 7.12
CA LYS A 256 15.73 -20.09 8.90
CA LYS A 256 15.35 -20.72 8.02
C LYS A 256 14.75 -18.92 8.94
C LYS A 256 14.41 -19.55 7.73
N PHE A 257 13.55 -19.11 8.49
N PHE A 257 13.59 -19.18 8.71
CA PHE A 257 12.58 -18.05 8.59
CA PHE A 257 12.62 -18.08 8.63
C PHE A 257 12.36 -17.68 10.08
N PHE A 258 12.56 -16.42 10.43
CA PHE A 258 12.53 -16.03 11.84
C PHE A 258 11.29 -16.64 12.50
N PRO A 259 11.43 -17.41 13.57
CA PRO A 259 10.26 -18.17 14.05
C PRO A 259 9.06 -17.32 14.46
N LYS A 260 9.27 -16.19 15.11
CA LYS A 260 8.13 -15.37 15.52
C LYS A 260 7.47 -14.71 14.32
N ALA A 261 8.22 -14.43 13.27
CA ALA A 261 7.64 -13.93 12.03
C ALA A 261 6.85 -15.02 11.33
N ARG A 262 7.35 -16.26 11.35
CA ARG A 262 6.58 -17.36 10.79
C ARG A 262 5.24 -17.48 11.49
N ASP A 263 5.25 -17.43 12.82
CA ASP A 263 4.02 -17.53 13.58
C ASP A 263 3.04 -16.41 13.19
N LEU A 264 3.56 -15.20 13.04
CA LEU A 264 2.72 -14.08 12.62
C LEU A 264 2.14 -14.31 11.24
N VAL A 265 2.96 -14.73 10.28
CA VAL A 265 2.45 -15.03 8.95
C VAL A 265 1.34 -16.07 9.00
N GLU A 266 1.52 -17.12 9.77
CA GLU A 266 0.51 -18.14 9.91
C GLU A 266 -0.77 -17.63 10.54
N LYS A 267 -0.73 -16.54 11.29
CA LYS A 267 -1.91 -15.92 11.86
C LYS A 267 -2.57 -14.89 10.95
N LEU A 268 -1.95 -14.57 9.83
CA LEU A 268 -2.47 -13.66 8.81
C LEU A 268 -2.95 -14.41 7.57
N LEU A 269 -2.19 -15.42 7.12
CA LEU A 269 -2.55 -16.21 5.96
C LEU A 269 -3.48 -17.32 6.40
N VAL A 270 -4.71 -16.90 6.71
CA VAL A 270 -5.79 -17.76 7.19
C VAL A 270 -6.93 -17.60 6.19
N LEU A 271 -7.45 -18.72 5.68
CA LEU A 271 -8.47 -18.62 4.64
C LEU A 271 -9.71 -17.88 5.13
N ASP A 272 -10.16 -18.16 6.34
CA ASP A 272 -11.34 -17.49 6.91
C ASP A 272 -10.94 -16.06 7.33
N ALA A 273 -11.46 -15.07 6.62
CA ALA A 273 -11.09 -13.68 6.82
C ALA A 273 -11.46 -13.18 8.21
N THR A 274 -12.40 -13.85 8.89
CA THR A 274 -12.74 -13.46 10.25
C THR A 274 -11.79 -14.00 11.31
N LYS A 275 -10.75 -14.73 10.90
CA LYS A 275 -9.86 -15.36 11.86
C LYS A 275 -8.44 -14.83 11.72
N ARG A 276 -8.20 -13.76 10.97
CA ARG A 276 -6.88 -13.17 10.82
C ARG A 276 -6.59 -12.22 11.96
N LEU A 277 -5.39 -12.31 12.50
CA LEU A 277 -5.00 -11.43 13.59
C LEU A 277 -4.98 -10.00 13.08
N GLY A 278 -5.70 -9.11 13.78
CA GLY A 278 -5.90 -7.73 13.36
C GLY A 278 -7.28 -7.42 12.86
N CYS A 279 -8.07 -8.44 12.47
CA CYS A 279 -9.39 -8.17 11.90
C CYS A 279 -10.38 -7.79 12.98
N GLU A 280 -11.47 -7.18 12.56
CA GLU A 280 -12.46 -6.72 13.52
C GLU A 280 -13.04 -7.85 14.35
N GLU A 281 -13.27 -9.03 13.77
CA GLU A 281 -13.84 -10.17 14.49
C GLU A 281 -12.86 -10.77 15.48
N MET A 282 -11.57 -10.53 15.29
CA MET A 282 -10.54 -10.92 16.25
C MET A 282 -10.16 -9.78 17.18
N GLU A 283 -10.97 -8.74 17.22
CA GLU A 283 -10.85 -7.64 18.16
C GLU A 283 -9.75 -6.63 17.79
N GLY A 284 -9.43 -6.57 16.51
CA GLY A 284 -8.74 -5.40 15.98
C GLY A 284 -7.21 -5.41 16.13
N TYR A 285 -6.67 -4.19 16.07
CA TYR A 285 -5.21 -4.03 15.99
C TYR A 285 -4.49 -4.23 17.31
N GLY A 286 -5.15 -4.13 18.47
CA GLY A 286 -4.43 -4.35 19.71
C GLY A 286 -3.80 -5.72 19.78
N PRO A 287 -4.54 -6.78 19.49
CA PRO A 287 -3.92 -8.12 19.53
C PRO A 287 -2.83 -8.28 18.52
N LEU A 288 -2.97 -7.65 17.35
CA LEU A 288 -1.92 -7.78 16.34
C LEU A 288 -0.63 -7.09 16.77
N LYS A 289 -0.75 -5.86 17.32
CA LYS A 289 0.41 -5.13 17.81
C LYS A 289 1.07 -5.82 18.98
N ALA A 290 0.30 -6.63 19.72
CA ALA A 290 0.77 -7.41 20.85
C ALA A 290 1.44 -8.72 20.44
N HIS A 291 1.49 -9.06 19.16
CA HIS A 291 2.12 -10.30 18.76
C HIS A 291 3.58 -10.30 19.25
N PRO A 292 4.10 -11.48 19.64
CA PRO A 292 5.52 -11.54 20.07
C PRO A 292 6.54 -11.04 19.07
N PHE A 293 6.29 -11.11 17.77
CA PHE A 293 7.24 -10.59 16.82
C PHE A 293 7.50 -9.09 17.05
N PHE A 294 6.51 -8.38 17.58
CA PHE A 294 6.60 -6.96 17.78
C PHE A 294 6.97 -6.57 19.20
N GLU A 295 7.46 -7.51 20.01
CA GLU A 295 7.69 -7.20 21.43
C GLU A 295 8.56 -5.96 21.62
N SER A 296 9.56 -5.76 20.78
CA SER A 296 10.45 -4.62 20.99
C SER A 296 9.98 -3.31 20.33
N VAL A 297 8.81 -3.30 19.70
CA VAL A 297 8.38 -2.12 18.96
C VAL A 297 7.78 -1.08 19.90
N THR A 298 8.19 0.17 19.69
CA THR A 298 7.53 1.31 20.31
C THR A 298 6.60 1.91 19.26
N TRP A 299 5.30 1.62 19.36
CA TRP A 299 4.34 1.96 18.32
C TRP A 299 4.11 3.47 18.22
N GLU A 300 4.22 4.18 19.34
CA GLU A 300 3.61 5.50 19.41
CA GLU A 300 4.07 5.64 19.34
C GLU A 300 4.34 6.57 18.59
C GLU A 300 5.27 6.32 18.69
N ASN A 301 5.62 6.44 18.28
N ASN A 301 5.00 7.29 17.85
CA ASN A 301 6.32 7.54 17.59
CA ASN A 301 6.08 7.96 17.10
C ASN A 301 7.10 7.01 16.41
N LEU A 302 6.61 5.89 15.83
CA LEU A 302 7.39 5.16 14.82
C LEU A 302 7.90 6.10 13.75
N HIS A 303 7.07 7.04 13.30
CA HIS A 303 7.42 7.90 12.19
C HIS A 303 8.54 8.87 12.52
N GLN A 304 8.92 8.97 13.78
CA GLN A 304 10.01 9.84 14.18
C GLN A 304 11.25 9.03 14.57
N GLN A 305 11.17 7.72 14.55
CA GLN A 305 12.31 6.86 14.79
C GLN A 305 13.17 6.82 13.53
N THR A 306 14.47 6.62 13.74
CA THR A 306 15.35 6.49 12.59
C THR A 306 15.25 5.05 12.08
N PRO A 307 14.86 4.81 10.82
CA PRO A 307 14.76 3.44 10.36
C PRO A 307 16.11 2.73 10.39
N PRO A 308 16.11 1.45 10.68
CA PRO A 308 17.34 0.67 10.55
C PRO A 308 17.80 0.63 9.11
N LYS A 309 19.11 0.66 8.91
CA LYS A 309 19.69 0.63 7.57
C LYS A 309 19.46 -0.73 6.93
N LEU A 310 19.11 -0.71 5.65
CA LEU A 310 18.79 -1.92 4.90
C LEU A 310 20.05 -2.52 4.34
N THR A 311 20.49 -3.63 4.92
CA THR A 311 21.71 -4.28 4.39
C THR A 311 21.42 -5.78 4.24
PG ATP B . -0.78 1.33 -13.17
O1G ATP B . -0.33 0.91 -14.55
O2G ATP B . -1.84 2.42 -13.13
O3G ATP B . -1.01 0.25 -12.10
PB ATP B . 1.04 2.81 -11.45
O1B ATP B . 2.51 2.42 -11.39
O2B ATP B . 0.17 2.65 -10.24
O3B ATP B . 0.56 2.13 -12.79
PA ATP B . 1.21 5.70 -11.07
O1A ATP B . 1.07 6.77 -12.08
O2A ATP B . 0.52 5.72 -9.74
O3A ATP B . 0.86 4.35 -11.90
O5' ATP B . 2.80 5.64 -11.15
C5' ATP B . 3.74 5.01 -10.56
C4' ATP B . 5.11 5.32 -11.15
O4' ATP B . 5.57 6.58 -10.52
C3' ATP B . 5.79 4.19 -10.41
O3' ATP B . 7.13 3.93 -10.75
C2' ATP B . 5.77 4.79 -9.02
O2' ATP B . 6.66 4.15 -8.16
C1' ATP B . 6.12 6.28 -9.24
N9 ATP B . 5.50 7.19 -8.23
C8 ATP B . 4.18 7.33 -8.02
N7 ATP B . 3.93 8.21 -7.06
C5 ATP B . 5.11 8.67 -6.64
C6 ATP B . 5.50 9.61 -5.63
N6 ATP B . 4.55 10.20 -4.89
N1 ATP B . 6.80 9.82 -5.44
C2 ATP B . 7.71 9.17 -6.17
N3 ATP B . 7.42 8.27 -7.13
C4 ATP B . 6.15 8.02 -7.39
H5'1 ATP B . 3.56 3.93 -10.64
H5'2 ATP B . 3.73 5.26 -9.51
H4' ATP B . 5.18 5.26 -12.24
H3' ATP B . 5.17 3.28 -10.44
H2' ATP B . 4.75 4.73 -8.61
HO2' ATP B . 6.42 3.22 -8.08
H1' ATP B . 7.22 6.41 -9.25
H8 ATP B . 3.42 6.80 -8.57
HN61 ATP B . 4.81 10.87 -4.19
HN62 ATP B . 3.58 10.00 -5.08
H2 ATP B . 8.76 9.39 -5.99
C1 78W C . -12.93 15.56 -15.61
C3 78W C . -12.56 13.73 -14.07
C4 78W C . -12.00 12.97 -15.08
C5 78W C . -11.95 13.53 -16.34
C6 78W C . -12.40 14.80 -16.62
C9 78W C . -12.99 16.17 -12.25
C13 78W C . -8.47 16.77 -11.02
C14 78W C . -7.22 16.21 -10.83
S21 78W C . -13.94 17.02 -11.16
C2 78W C . -13.00 15.03 -14.33
N10 78W C . -11.71 15.87 -12.02
C22 78W C . -13.56 18.75 -11.22
N8 78W C . -13.58 15.77 -13.30
CL1 78W C . -11.26 12.58 -17.68
C11 78W C . -10.97 16.43 -11.06
O20 78W C . -11.27 17.38 -10.37
C12 78W C . -9.61 15.91 -10.86
C17 78W C . -9.35 14.55 -10.46
CL2 78W C . -10.75 13.55 -10.26
C16 78W C . -8.08 14.04 -10.27
C15 78W C . -7.02 14.88 -10.45
F1 78W C . -8.74 18.04 -11.39
S DMS D . 3.45 6.13 14.11
O DMS D . 4.51 7.12 14.46
C1 DMS D . 2.32 6.20 15.49
C2 DMS D . 2.55 7.04 12.84
H11 DMS D . 2.00 7.20 15.63
H12 DMS D . 2.81 5.86 16.36
H13 DMS D . 1.49 5.59 15.30
H21 DMS D . 3.19 7.19 12.00
H22 DMS D . 2.25 7.99 13.22
H23 DMS D . 1.70 6.50 12.54
S1 DTD E . -7.05 -9.01 -8.30
C1 DTD E . -8.51 -8.86 -9.15
C2 DTD E . -7.79 -8.38 -10.51
O2 DTD E . -8.86 -8.17 -11.45
C3 DTD E . -6.50 -9.04 -11.19
O3 DTD E . -6.00 -8.20 -12.25
C4 DTD E . -5.19 -9.50 -10.37
S4 DTD E . -6.04 -10.47 -9.17
CL CL F . -6.54 5.09 -13.79
#